data_1ZRM
#
_entry.id   1ZRM
#
_cell.length_a   90.990
_cell.length_b   62.940
_cell.length_c   50.950
_cell.angle_alpha   90.00
_cell.angle_beta   122.70
_cell.angle_gamma   90.00
#
_symmetry.space_group_name_H-M   'C 1 2 1'
#
loop_
_entity.id
_entity.type
_entity.pdbx_description
1 polymer 'L-2-HALOACID DEHALOGENASE'
2 non-polymer 'butanoic acid'
3 water water
#
_entity_poly.entity_id   1
_entity_poly.type   'polypeptide(L)'
_entity_poly.pdbx_seq_one_letter_code
;MDYIKGIAFDLYGTLFDVHSVVGRCDEAFPGRGREISALWRQKQLEYTWLRSLMNRYVNFQQATEDALRFTCRHLGLDLD
ARTRSTLCDAYLRLAPFSEVPDSLRELKRRGLKLAILSNGSPQSIDAVVSHAGLRDGFDHLLSVDPVQVYKPDNRVYELA
EQALGLDRSAILFVASNAWDATGARYFGFPTCWINRTGNVFEEMGQTPDWEVTSLRAVVELFETAAGKAEKG
;
_entity_poly.pdbx_strand_id   A
#
loop_
_chem_comp.id
_chem_comp.type
_chem_comp.name
_chem_comp.formula
BUA non-polymer 'butanoic acid' 'C4 H8 O2'
#
# COMPACT_ATOMS: atom_id res chain seq x y z
N TYR A 3 3.24 18.65 16.66
CA TYR A 3 3.55 17.47 17.54
C TYR A 3 2.75 16.25 17.07
N ILE A 4 3.46 15.30 16.46
CA ILE A 4 2.86 14.07 15.95
C ILE A 4 2.71 13.07 17.10
N LYS A 5 1.57 12.38 17.11
CA LYS A 5 1.28 11.38 18.13
C LYS A 5 1.00 10.03 17.47
N GLY A 6 0.83 10.04 16.16
CA GLY A 6 0.55 8.80 15.45
C GLY A 6 1.08 8.85 14.03
N ILE A 7 1.21 7.68 13.41
CA ILE A 7 1.70 7.58 12.05
C ILE A 7 0.86 6.58 11.27
N ALA A 8 0.42 6.99 10.08
CA ALA A 8 -0.37 6.13 9.23
C ALA A 8 0.55 5.69 8.07
N PHE A 9 0.61 4.40 7.81
CA PHE A 9 1.47 3.85 6.76
C PHE A 9 0.69 3.21 5.62
N ASP A 10 1.15 3.42 4.41
CA ASP A 10 0.54 2.77 3.25
C ASP A 10 1.22 1.39 3.30
N LEU A 11 0.52 0.35 2.89
CA LEU A 11 1.06 -1.01 2.94
C LEU A 11 1.89 -1.46 1.71
N TYR A 12 1.20 -1.73 0.61
CA TYR A 12 1.80 -2.20 -0.64
C TYR A 12 2.76 -1.24 -1.31
N GLY A 13 4.05 -1.49 -1.15
CA GLY A 13 5.04 -0.64 -1.78
C GLY A 13 5.72 0.33 -0.83
N THR A 14 5.23 0.41 0.40
CA THR A 14 5.82 1.31 1.37
C THR A 14 6.52 0.53 2.48
N LEU A 15 5.80 -0.42 3.09
CA LEU A 15 6.38 -1.24 4.15
C LEU A 15 6.76 -2.59 3.57
N PHE A 16 5.93 -3.10 2.67
CA PHE A 16 6.16 -4.38 2.03
C PHE A 16 6.43 -4.23 0.54
N ASP A 17 7.42 -4.98 0.05
CA ASP A 17 7.82 -4.93 -1.35
C ASP A 17 7.01 -5.85 -2.24
N VAL A 18 6.42 -5.26 -3.29
CA VAL A 18 5.61 -5.99 -4.24
C VAL A 18 6.44 -6.66 -5.35
N HIS A 19 7.75 -6.41 -5.33
CA HIS A 19 8.64 -6.99 -6.33
C HIS A 19 8.74 -8.49 -6.08
N SER A 20 8.34 -8.91 -4.88
CA SER A 20 8.34 -10.33 -4.50
C SER A 20 7.50 -11.14 -5.50
N VAL A 21 6.46 -10.50 -6.03
CA VAL A 21 5.53 -11.12 -6.96
C VAL A 21 6.18 -11.51 -8.30
N VAL A 22 7.12 -10.69 -8.79
CA VAL A 22 7.79 -10.97 -10.07
C VAL A 22 8.37 -12.38 -10.11
N GLY A 23 8.82 -12.86 -8.97
CA GLY A 23 9.38 -14.19 -8.88
C GLY A 23 8.33 -15.23 -9.21
N ARG A 24 7.24 -15.22 -8.45
CA ARG A 24 6.14 -16.17 -8.68
C ARG A 24 5.61 -16.07 -10.10
N CYS A 25 5.62 -14.87 -10.66
CA CYS A 25 5.14 -14.64 -12.03
C CYS A 25 6.04 -15.32 -13.05
N ASP A 26 7.35 -15.18 -12.86
CA ASP A 26 8.33 -15.75 -13.77
C ASP A 26 8.41 -17.27 -13.60
N GLU A 27 8.03 -17.76 -12.43
CA GLU A 27 8.02 -19.19 -12.15
C GLU A 27 6.85 -19.82 -12.91
N ALA A 28 5.78 -19.05 -13.07
CA ALA A 28 4.58 -19.51 -13.78
C ALA A 28 4.69 -19.29 -15.29
N PHE A 29 5.22 -18.13 -15.67
CA PHE A 29 5.40 -17.77 -17.07
C PHE A 29 6.87 -17.33 -17.23
N PRO A 30 7.80 -18.30 -17.22
CA PRO A 30 9.24 -18.08 -17.34
C PRO A 30 9.64 -17.07 -18.41
N GLY A 31 10.44 -16.09 -17.98
CA GLY A 31 10.92 -15.06 -18.88
C GLY A 31 10.04 -13.82 -18.90
N ARG A 32 8.74 -13.98 -18.73
CA ARG A 32 7.81 -12.86 -18.77
C ARG A 32 7.36 -12.34 -17.40
N GLY A 33 7.92 -12.92 -16.34
CA GLY A 33 7.58 -12.51 -14.98
C GLY A 33 7.55 -11.02 -14.71
N ARG A 34 8.57 -10.30 -15.17
CA ARG A 34 8.63 -8.85 -14.98
C ARG A 34 7.53 -8.13 -15.74
N GLU A 35 7.27 -8.56 -16.97
CA GLU A 35 6.26 -7.95 -17.82
C GLU A 35 4.85 -8.10 -17.24
N ILE A 36 4.58 -9.29 -16.72
CA ILE A 36 3.28 -9.59 -16.12
C ILE A 36 3.07 -8.74 -14.87
N SER A 37 4.04 -8.76 -13.97
CA SER A 37 3.96 -8.01 -12.73
C SER A 37 3.76 -6.51 -12.96
N ALA A 38 4.49 -5.96 -13.92
CA ALA A 38 4.40 -4.54 -14.23
C ALA A 38 2.98 -4.15 -14.62
N LEU A 39 2.41 -4.88 -15.58
CA LEU A 39 1.06 -4.58 -16.03
C LEU A 39 0.04 -4.81 -14.92
N TRP A 40 0.20 -5.93 -14.22
CA TRP A 40 -0.69 -6.31 -13.11
C TRP A 40 -0.80 -5.16 -12.10
N ARG A 41 0.34 -4.65 -11.66
CA ARG A 41 0.38 -3.55 -10.71
C ARG A 41 -0.36 -2.33 -11.24
N GLN A 42 -0.18 -2.02 -12.53
CA GLN A 42 -0.83 -0.87 -13.12
C GLN A 42 -2.35 -0.99 -13.24
N LYS A 43 -2.82 -2.17 -13.66
CA LYS A 43 -4.25 -2.40 -13.82
C LYS A 43 -4.93 -2.44 -12.46
N GLN A 44 -4.22 -2.99 -11.49
CA GLN A 44 -4.70 -3.10 -10.12
C GLN A 44 -5.07 -1.70 -9.61
N LEU A 45 -4.14 -0.76 -9.74
CA LEU A 45 -4.37 0.62 -9.32
C LEU A 45 -5.46 1.27 -10.16
N GLU A 46 -5.40 1.09 -11.48
CA GLU A 46 -6.39 1.68 -12.35
C GLU A 46 -7.81 1.21 -12.05
N TYR A 47 -7.96 -0.07 -11.76
CA TYR A 47 -9.27 -0.62 -11.46
C TYR A 47 -9.85 -0.08 -10.15
N THR A 48 -8.99 0.25 -9.19
CA THR A 48 -9.47 0.80 -7.93
C THR A 48 -9.91 2.24 -8.15
N TRP A 49 -9.18 2.98 -8.98
CA TRP A 49 -9.52 4.37 -9.28
C TRP A 49 -10.80 4.47 -10.10
N LEU A 50 -10.86 3.73 -11.20
CA LEU A 50 -12.00 3.74 -12.10
C LEU A 50 -13.28 3.21 -11.46
N ARG A 51 -13.16 2.18 -10.63
CA ARG A 51 -14.32 1.60 -9.97
C ARG A 51 -14.91 2.56 -8.93
N SER A 52 -14.04 3.27 -8.23
CA SER A 52 -14.50 4.25 -7.25
C SER A 52 -15.25 5.39 -7.94
N LEU A 53 -14.78 5.79 -9.12
CA LEU A 53 -15.42 6.86 -9.88
C LEU A 53 -16.76 6.45 -10.47
N MET A 54 -16.92 5.17 -10.79
CA MET A 54 -18.17 4.67 -11.36
C MET A 54 -19.08 4.18 -10.24
N ASN A 55 -18.56 4.23 -9.01
CA ASN A 55 -19.31 3.80 -7.84
C ASN A 55 -19.67 2.32 -7.92
N ARG A 56 -18.78 1.53 -8.51
CA ARG A 56 -18.97 0.09 -8.66
C ARG A 56 -17.81 -0.59 -7.92
N TYR A 57 -17.90 -0.62 -6.60
CA TYR A 57 -16.86 -1.21 -5.75
C TYR A 57 -16.86 -2.74 -5.58
N VAL A 58 -15.65 -3.29 -5.52
CA VAL A 58 -15.37 -4.70 -5.27
C VAL A 58 -14.07 -4.60 -4.47
N ASN A 59 -13.85 -5.49 -3.51
CA ASN A 59 -12.65 -5.40 -2.69
C ASN A 59 -11.35 -5.61 -3.45
N PHE A 60 -10.25 -5.27 -2.80
CA PHE A 60 -8.92 -5.36 -3.38
C PHE A 60 -8.58 -6.72 -3.96
N GLN A 61 -9.02 -7.78 -3.29
CA GLN A 61 -8.74 -9.13 -3.76
C GLN A 61 -9.44 -9.38 -5.11
N GLN A 62 -10.64 -8.83 -5.26
CA GLN A 62 -11.39 -8.97 -6.49
C GLN A 62 -10.73 -8.13 -7.58
N ALA A 63 -10.32 -6.92 -7.22
CA ALA A 63 -9.65 -6.02 -8.16
C ALA A 63 -8.35 -6.68 -8.64
N THR A 64 -7.64 -7.33 -7.72
CA THR A 64 -6.38 -8.02 -8.03
C THR A 64 -6.61 -9.21 -8.97
N GLU A 65 -7.67 -9.98 -8.74
CA GLU A 65 -7.97 -11.12 -9.60
C GLU A 65 -8.33 -10.62 -10.99
N ASP A 66 -9.19 -9.60 -11.04
CA ASP A 66 -9.62 -9.01 -12.31
C ASP A 66 -8.45 -8.43 -13.11
N ALA A 67 -7.53 -7.78 -12.41
CA ALA A 67 -6.35 -7.19 -13.05
C ALA A 67 -5.42 -8.27 -13.63
N LEU A 68 -5.28 -9.40 -12.95
CA LEU A 68 -4.43 -10.49 -13.45
C LEU A 68 -5.06 -11.11 -14.68
N ARG A 69 -6.38 -11.31 -14.63
CA ARG A 69 -7.13 -11.88 -15.75
C ARG A 69 -6.99 -11.01 -17.00
N PHE A 70 -6.95 -9.69 -16.82
CA PHE A 70 -6.78 -8.77 -17.95
C PHE A 70 -5.35 -8.84 -18.47
N THR A 71 -4.39 -8.83 -17.55
CA THR A 71 -2.97 -8.89 -17.90
C THR A 71 -2.64 -10.11 -18.77
N CYS A 72 -3.01 -11.30 -18.30
CA CYS A 72 -2.74 -12.53 -19.04
C CYS A 72 -3.44 -12.53 -20.39
N ARG A 73 -4.71 -12.14 -20.42
CA ARG A 73 -5.48 -12.08 -21.66
C ARG A 73 -4.85 -11.06 -22.62
N HIS A 74 -4.23 -10.04 -22.05
CA HIS A 74 -3.59 -9.00 -22.84
C HIS A 74 -2.21 -9.39 -23.39
N LEU A 75 -1.55 -10.33 -22.72
CA LEU A 75 -0.25 -10.81 -23.14
C LEU A 75 -0.36 -12.10 -23.96
N GLY A 76 -1.57 -12.63 -24.05
CA GLY A 76 -1.78 -13.85 -24.80
C GLY A 76 -1.51 -15.09 -23.98
N LEU A 77 -1.25 -14.89 -22.70
CA LEU A 77 -0.95 -15.99 -21.80
C LEU A 77 -2.21 -16.72 -21.34
N ASP A 78 -2.13 -18.04 -21.28
CA ASP A 78 -3.26 -18.86 -20.84
C ASP A 78 -3.16 -19.02 -19.33
N LEU A 79 -3.92 -18.22 -18.60
CA LEU A 79 -3.93 -18.27 -17.15
C LEU A 79 -5.03 -19.21 -16.67
N ASP A 80 -4.64 -20.40 -16.23
CA ASP A 80 -5.63 -21.36 -15.75
C ASP A 80 -6.05 -21.03 -14.32
N ALA A 81 -7.17 -21.61 -13.90
CA ALA A 81 -7.73 -21.41 -12.58
C ALA A 81 -6.73 -21.50 -11.42
N ARG A 82 -5.95 -22.58 -11.37
CA ARG A 82 -4.98 -22.76 -10.31
C ARG A 82 -3.84 -21.76 -10.32
N THR A 83 -3.38 -21.38 -11.51
CA THR A 83 -2.30 -20.41 -11.63
C THR A 83 -2.81 -19.05 -11.14
N ARG A 84 -4.06 -18.77 -11.46
CA ARG A 84 -4.69 -17.52 -11.06
C ARG A 84 -4.65 -17.42 -9.53
N SER A 85 -5.20 -18.43 -8.87
CA SER A 85 -5.22 -18.46 -7.41
C SER A 85 -3.81 -18.35 -6.84
N THR A 86 -2.87 -19.09 -7.45
CA THR A 86 -1.48 -19.10 -7.01
C THR A 86 -0.79 -17.73 -7.06
N LEU A 87 -0.88 -17.06 -8.19
CA LEU A 87 -0.26 -15.76 -8.35
C LEU A 87 -0.90 -14.75 -7.40
N CYS A 88 -2.22 -14.82 -7.26
CA CYS A 88 -2.93 -13.90 -6.38
C CYS A 88 -2.56 -14.12 -4.91
N ASP A 89 -2.26 -15.35 -4.54
CA ASP A 89 -1.86 -15.65 -3.17
C ASP A 89 -0.49 -15.09 -2.84
N ALA A 90 0.27 -14.69 -3.87
CA ALA A 90 1.59 -14.12 -3.67
C ALA A 90 1.53 -12.82 -2.88
N TYR A 91 0.46 -12.05 -3.08
CA TYR A 91 0.28 -10.79 -2.37
C TYR A 91 0.07 -10.93 -0.87
N LEU A 92 -0.21 -12.16 -0.43
CA LEU A 92 -0.42 -12.41 0.98
C LEU A 92 0.90 -12.77 1.66
N ARG A 93 1.99 -12.81 0.89
CA ARG A 93 3.30 -13.16 1.42
C ARG A 93 4.40 -12.20 1.03
N LEU A 94 4.07 -10.94 0.80
CA LEU A 94 5.08 -9.96 0.41
C LEU A 94 6.17 -9.89 1.48
N ALA A 95 7.33 -9.38 1.12
CA ALA A 95 8.45 -9.26 2.04
C ALA A 95 8.67 -7.80 2.39
N PRO A 96 8.79 -7.49 3.69
CA PRO A 96 9.00 -6.11 4.12
C PRO A 96 10.38 -5.61 3.70
N PHE A 97 10.48 -4.32 3.41
CA PHE A 97 11.77 -3.75 3.03
C PHE A 97 12.69 -3.94 4.23
N SER A 98 13.96 -4.23 3.95
CA SER A 98 14.98 -4.48 4.96
C SER A 98 14.91 -3.68 6.27
N GLU A 99 14.87 -2.37 6.16
CA GLU A 99 14.84 -1.51 7.34
C GLU A 99 13.48 -1.43 8.05
N VAL A 100 12.42 -1.86 7.37
CA VAL A 100 11.07 -1.79 7.93
C VAL A 100 10.90 -2.38 9.33
N PRO A 101 11.28 -3.65 9.53
CA PRO A 101 11.11 -4.25 10.87
C PRO A 101 11.76 -3.48 12.04
N ASP A 102 13.04 -3.17 11.94
CA ASP A 102 13.73 -2.47 13.02
C ASP A 102 13.21 -1.05 13.25
N SER A 103 12.82 -0.38 12.18
CA SER A 103 12.29 0.97 12.27
C SER A 103 10.95 0.99 13.00
N LEU A 104 10.08 0.02 12.70
CA LEU A 104 8.78 -0.06 13.34
C LEU A 104 8.93 -0.17 14.85
N ARG A 105 9.90 -0.98 15.28
CA ARG A 105 10.16 -1.17 16.70
C ARG A 105 10.60 0.12 17.37
N GLU A 106 11.51 0.85 16.72
CA GLU A 106 12.00 2.10 17.29
C GLU A 106 10.93 3.17 17.35
N LEU A 107 10.09 3.27 16.34
CA LEU A 107 9.02 4.25 16.33
C LEU A 107 8.03 3.94 17.46
N LYS A 108 7.68 2.67 17.59
CA LYS A 108 6.76 2.21 18.60
C LYS A 108 7.35 2.48 19.98
N ARG A 109 8.63 2.16 20.14
CA ARG A 109 9.34 2.37 21.41
C ARG A 109 9.32 3.84 21.82
N ARG A 110 9.26 4.73 20.84
CA ARG A 110 9.19 6.17 21.11
C ARG A 110 7.78 6.58 21.54
N GLY A 111 6.91 5.58 21.73
CA GLY A 111 5.55 5.84 22.15
C GLY A 111 4.67 6.47 21.10
N LEU A 112 4.82 6.01 19.87
CA LEU A 112 4.03 6.54 18.76
C LEU A 112 2.95 5.54 18.39
N LYS A 113 1.77 6.05 18.06
CA LYS A 113 0.66 5.20 17.64
C LYS A 113 0.93 4.88 16.18
N LEU A 114 0.96 3.58 15.85
CA LEU A 114 1.22 3.16 14.49
C LEU A 114 0.02 2.46 13.89
N ALA A 115 -0.36 2.86 12.67
CA ALA A 115 -1.50 2.26 11.99
C ALA A 115 -1.22 2.09 10.50
N ILE A 116 -1.97 1.19 9.88
CA ILE A 116 -1.84 0.95 8.45
C ILE A 116 -3.16 1.33 7.79
N LEU A 117 -3.06 2.18 6.76
CA LEU A 117 -4.22 2.61 5.99
C LEU A 117 -3.94 2.07 4.58
N SER A 118 -4.56 0.95 4.25
CA SER A 118 -4.33 0.31 2.97
C SER A 118 -5.60 0.05 2.18
N ASN A 119 -5.43 -0.16 0.87
CA ASN A 119 -6.52 -0.47 -0.07
C ASN A 119 -6.89 -1.93 0.06
N GLY A 120 -5.95 -2.71 0.60
CA GLY A 120 -6.17 -4.13 0.76
C GLY A 120 -7.35 -4.45 1.65
N SER A 121 -7.91 -5.65 1.50
CA SER A 121 -9.04 -6.06 2.31
C SER A 121 -8.55 -6.37 3.72
N PRO A 122 -9.46 -6.37 4.72
CA PRO A 122 -9.04 -6.65 6.09
C PRO A 122 -8.26 -7.96 6.20
N GLN A 123 -8.64 -8.93 5.37
CA GLN A 123 -7.98 -10.23 5.32
C GLN A 123 -6.56 -10.08 4.75
N SER A 124 -6.45 -9.44 3.59
CA SER A 124 -5.17 -9.24 2.94
C SER A 124 -4.16 -8.60 3.90
N ILE A 125 -4.53 -7.44 4.43
CA ILE A 125 -3.67 -6.68 5.34
C ILE A 125 -3.18 -7.57 6.48
N ASP A 126 -4.12 -8.24 7.13
CA ASP A 126 -3.80 -9.12 8.24
C ASP A 126 -2.76 -10.15 7.85
N ALA A 127 -3.07 -10.91 6.80
CA ALA A 127 -2.19 -11.96 6.29
C ALA A 127 -0.77 -11.46 6.10
N VAL A 128 -0.61 -10.42 5.29
CA VAL A 128 0.68 -9.83 4.99
C VAL A 128 1.52 -9.48 6.23
N VAL A 129 0.93 -8.71 7.16
CA VAL A 129 1.67 -8.31 8.37
C VAL A 129 1.94 -9.45 9.33
N SER A 130 0.99 -10.37 9.47
CA SER A 130 1.16 -11.50 10.36
C SER A 130 2.23 -12.43 9.84
N HIS A 131 2.21 -12.68 8.54
CA HIS A 131 3.18 -13.55 7.88
C HIS A 131 4.58 -13.02 8.15
N ALA A 132 4.77 -11.72 7.98
CA ALA A 132 6.06 -11.09 8.23
C ALA A 132 6.33 -11.00 9.75
N GLY A 133 5.31 -11.34 10.54
CA GLY A 133 5.42 -11.30 11.99
C GLY A 133 5.52 -9.91 12.59
N LEU A 134 4.87 -8.94 11.94
CA LEU A 134 4.87 -7.55 12.40
C LEU A 134 3.53 -7.10 12.98
N ARG A 135 2.58 -8.03 13.09
CA ARG A 135 1.24 -7.74 13.61
C ARG A 135 1.21 -6.97 14.93
N ASP A 136 2.05 -7.37 15.88
CA ASP A 136 2.09 -6.75 17.19
C ASP A 136 2.55 -5.29 17.24
N GLY A 137 3.28 -4.87 16.21
CA GLY A 137 3.77 -3.51 16.17
C GLY A 137 2.77 -2.48 15.68
N PHE A 138 1.54 -2.89 15.41
CA PHE A 138 0.51 -1.98 14.91
C PHE A 138 -0.70 -1.89 15.81
N ASP A 139 -1.11 -0.65 16.09
CA ASP A 139 -2.27 -0.39 16.92
C ASP A 139 -3.54 -0.60 16.09
N HIS A 140 -3.51 -0.16 14.84
CA HIS A 140 -4.67 -0.31 13.96
C HIS A 140 -4.26 -0.76 12.58
N LEU A 141 -5.08 -1.64 12.01
CA LEU A 141 -4.86 -2.14 10.67
C LEU A 141 -6.14 -1.76 9.92
N LEU A 142 -6.12 -0.60 9.29
CA LEU A 142 -7.29 -0.09 8.57
C LEU A 142 -7.35 -0.44 7.08
N SER A 143 -8.53 -0.84 6.65
CA SER A 143 -8.78 -1.18 5.26
C SER A 143 -9.83 -0.20 4.72
N VAL A 144 -9.78 0.08 3.42
CA VAL A 144 -10.75 1.01 2.83
C VAL A 144 -12.12 0.35 2.69
N ASP A 145 -12.15 -0.98 2.80
CA ASP A 145 -13.37 -1.75 2.65
C ASP A 145 -14.68 -1.21 3.25
N PRO A 146 -14.68 -0.83 4.55
CA PRO A 146 -15.88 -0.30 5.18
C PRO A 146 -16.47 0.92 4.49
N VAL A 147 -15.61 1.74 3.89
CA VAL A 147 -16.02 2.95 3.19
C VAL A 147 -16.51 2.66 1.75
N GLN A 148 -16.24 1.45 1.28
CA GLN A 148 -16.63 1.01 -0.07
C GLN A 148 -16.11 1.92 -1.18
N VAL A 149 -14.93 2.51 -0.97
CA VAL A 149 -14.31 3.37 -1.95
C VAL A 149 -12.79 3.32 -1.70
N TYR A 150 -11.99 3.54 -2.74
CA TYR A 150 -10.53 3.49 -2.63
C TYR A 150 -9.84 4.85 -2.57
N LYS A 151 -8.54 4.83 -2.29
CA LYS A 151 -7.75 6.04 -2.26
C LYS A 151 -7.69 6.56 -3.69
N PRO A 152 -7.48 7.87 -3.88
CA PRO A 152 -7.30 8.91 -2.86
C PRO A 152 -8.59 9.62 -2.38
N ASP A 153 -9.70 8.90 -2.30
CA ASP A 153 -10.95 9.50 -1.83
C ASP A 153 -10.75 9.92 -0.37
N ASN A 154 -11.08 11.17 -0.06
CA ASN A 154 -10.95 11.70 1.31
C ASN A 154 -11.64 10.87 2.38
N ARG A 155 -12.68 10.15 1.99
CA ARG A 155 -13.41 9.32 2.95
C ARG A 155 -12.51 8.22 3.51
N VAL A 156 -11.51 7.85 2.72
CA VAL A 156 -10.55 6.81 3.12
C VAL A 156 -9.60 7.37 4.19
N TYR A 157 -9.08 8.58 3.95
CA TYR A 157 -8.16 9.22 4.88
C TYR A 157 -8.83 9.54 6.21
N GLU A 158 -10.07 10.04 6.13
CA GLU A 158 -10.87 10.39 7.29
C GLU A 158 -10.94 9.21 8.25
N LEU A 159 -10.98 8.01 7.66
CA LEU A 159 -11.06 6.76 8.38
C LEU A 159 -9.87 6.60 9.33
N ALA A 160 -8.69 7.04 8.90
CA ALA A 160 -7.48 6.95 9.71
C ALA A 160 -7.54 7.91 10.88
N GLU A 161 -8.07 9.10 10.63
CA GLU A 161 -8.19 10.14 11.65
C GLU A 161 -9.17 9.73 12.76
N GLN A 162 -10.22 9.02 12.38
CA GLN A 162 -11.22 8.56 13.33
C GLN A 162 -10.71 7.43 14.20
N ALA A 163 -10.15 6.40 13.55
CA ALA A 163 -9.63 5.23 14.25
C ALA A 163 -8.49 5.52 15.23
N LEU A 164 -7.60 6.44 14.88
CA LEU A 164 -6.49 6.78 15.75
C LEU A 164 -6.89 7.73 16.88
N GLY A 165 -8.04 8.37 16.73
CA GLY A 165 -8.53 9.29 17.74
C GLY A 165 -7.68 10.53 17.93
N LEU A 166 -7.05 10.96 16.84
CA LEU A 166 -6.20 12.13 16.87
C LEU A 166 -6.66 13.01 15.72
N ASP A 167 -6.26 14.27 15.73
CA ASP A 167 -6.61 15.18 14.65
C ASP A 167 -5.56 14.96 13.57
N ARG A 168 -5.95 15.13 12.31
CA ARG A 168 -5.04 14.93 11.19
C ARG A 168 -3.68 15.61 11.33
N SER A 169 -3.63 16.76 12.00
CA SER A 169 -2.38 17.48 12.21
C SER A 169 -1.38 16.80 13.15
N ALA A 170 -1.84 15.78 13.88
CA ALA A 170 -0.97 15.06 14.79
C ALA A 170 -0.72 13.63 14.29
N ILE A 171 -1.09 13.37 13.04
CA ILE A 171 -0.89 12.06 12.42
C ILE A 171 0.02 12.28 11.23
N LEU A 172 1.12 11.54 11.17
CA LEU A 172 2.04 11.66 10.05
C LEU A 172 1.64 10.62 9.03
N PHE A 173 1.59 10.99 7.77
CA PHE A 173 1.23 10.04 6.71
C PHE A 173 2.51 9.67 5.95
N VAL A 174 2.85 8.39 5.97
CA VAL A 174 4.03 7.88 5.28
C VAL A 174 3.59 7.07 4.07
N ALA A 175 3.99 7.52 2.88
CA ALA A 175 3.60 6.84 1.64
C ALA A 175 4.69 6.85 0.58
N SER A 176 4.83 5.74 -0.14
CA SER A 176 5.81 5.64 -1.23
C SER A 176 5.25 6.16 -2.55
N ASN A 177 3.94 5.98 -2.75
CA ASN A 177 3.27 6.44 -3.95
C ASN A 177 3.02 7.93 -3.83
N ALA A 178 3.51 8.68 -4.80
CA ALA A 178 3.37 10.13 -4.80
C ALA A 178 1.92 10.56 -4.99
N TRP A 179 1.10 9.67 -5.55
CA TRP A 179 -0.31 10.00 -5.75
C TRP A 179 -1.08 9.84 -4.45
N ASP A 180 -0.61 8.92 -3.62
CA ASP A 180 -1.23 8.65 -2.33
C ASP A 180 -0.89 9.81 -1.40
N ALA A 181 0.39 10.22 -1.43
CA ALA A 181 0.88 11.31 -0.62
C ALA A 181 0.18 12.63 -0.99
N THR A 182 -0.13 12.81 -2.27
CA THR A 182 -0.83 13.99 -2.75
C THR A 182 -2.21 14.07 -2.10
N GLY A 183 -2.91 12.95 -2.06
CA GLY A 183 -4.23 12.88 -1.46
C GLY A 183 -4.21 13.20 0.03
N ALA A 184 -3.38 12.48 0.78
CA ALA A 184 -3.26 12.70 2.22
C ALA A 184 -2.84 14.11 2.55
N ARG A 185 -2.05 14.72 1.66
CA ARG A 185 -1.58 16.08 1.84
C ARG A 185 -2.76 17.05 1.65
N TYR A 186 -3.65 16.71 0.71
CA TYR A 186 -4.83 17.51 0.44
C TYR A 186 -5.82 17.38 1.61
N PHE A 187 -5.83 16.21 2.22
CA PHE A 187 -6.69 15.93 3.35
C PHE A 187 -6.26 16.77 4.56
N GLY A 188 -4.95 16.95 4.73
CA GLY A 188 -4.46 17.74 5.84
C GLY A 188 -3.37 17.07 6.65
N PHE A 189 -3.05 15.82 6.32
CA PHE A 189 -2.02 15.06 7.01
C PHE A 189 -0.64 15.60 6.68
N PRO A 190 0.22 15.78 7.69
CA PRO A 190 1.56 16.26 7.35
C PRO A 190 2.16 15.01 6.67
N THR A 191 2.66 15.15 5.44
CA THR A 191 3.15 13.97 4.74
C THR A 191 4.64 13.75 4.48
N CYS A 192 5.06 12.50 4.70
CA CYS A 192 6.42 12.06 4.48
C CYS A 192 6.42 11.07 3.33
N TRP A 193 7.14 11.41 2.27
CA TRP A 193 7.23 10.57 1.08
C TRP A 193 8.51 9.76 1.11
N ILE A 194 8.37 8.44 1.01
CA ILE A 194 9.52 7.55 1.00
C ILE A 194 9.95 7.28 -0.46
N ASN A 195 10.92 8.05 -0.95
CA ASN A 195 11.40 7.90 -2.32
C ASN A 195 12.76 7.17 -2.41
N ARG A 196 12.71 5.85 -2.39
CA ARG A 196 13.92 5.02 -2.46
C ARG A 196 14.58 5.02 -3.83
N THR A 197 13.77 4.88 -4.87
CA THR A 197 14.26 4.82 -6.24
C THR A 197 14.45 6.14 -7.00
N GLY A 198 14.44 7.25 -6.27
CA GLY A 198 14.64 8.54 -6.91
C GLY A 198 13.66 8.92 -8.01
N ASN A 199 12.37 8.74 -7.74
CA ASN A 199 11.35 9.12 -8.71
C ASN A 199 11.06 10.58 -8.45
N VAL A 200 10.18 11.18 -9.26
CA VAL A 200 9.79 12.57 -9.05
C VAL A 200 8.33 12.60 -8.58
N PHE A 201 7.99 13.65 -7.83
CA PHE A 201 6.64 13.78 -7.31
C PHE A 201 5.67 14.05 -8.46
N GLU A 202 4.39 13.73 -8.25
CA GLU A 202 3.35 13.94 -9.24
C GLU A 202 3.08 15.42 -9.44
N GLU A 203 2.58 15.77 -10.62
CA GLU A 203 2.27 17.16 -10.90
C GLU A 203 0.80 17.43 -10.61
N MET A 204 0.38 17.23 -9.38
CA MET A 204 -1.02 17.49 -9.02
C MET A 204 -1.18 18.55 -7.94
N GLY A 205 -0.31 19.56 -7.97
CA GLY A 205 -0.40 20.65 -7.02
C GLY A 205 0.16 20.45 -5.63
N GLN A 206 0.46 19.21 -5.26
CA GLN A 206 1.00 18.97 -3.93
C GLN A 206 2.50 18.71 -3.88
N THR A 207 3.06 18.88 -2.69
CA THR A 207 4.47 18.67 -2.38
C THR A 207 4.47 18.09 -0.97
N PRO A 208 5.14 16.95 -0.76
CA PRO A 208 5.15 16.36 0.58
C PRO A 208 5.91 17.26 1.54
N ASP A 209 5.71 17.06 2.84
CA ASP A 209 6.40 17.87 3.83
C ASP A 209 7.83 17.38 4.02
N TRP A 210 8.05 16.10 3.75
CA TRP A 210 9.37 15.49 3.86
C TRP A 210 9.49 14.47 2.75
N GLU A 211 10.72 14.30 2.26
CA GLU A 211 11.01 13.31 1.24
C GLU A 211 12.25 12.61 1.77
N VAL A 212 12.14 11.31 1.98
CA VAL A 212 13.26 10.53 2.51
C VAL A 212 13.46 9.28 1.66
N THR A 213 14.60 8.60 1.83
CA THR A 213 14.90 7.42 1.03
C THR A 213 14.44 6.11 1.63
N SER A 214 14.17 6.10 2.94
CA SER A 214 13.71 4.90 3.60
C SER A 214 13.11 5.28 4.96
N LEU A 215 12.60 4.29 5.70
CA LEU A 215 12.01 4.54 7.02
C LEU A 215 13.06 4.97 8.04
N ARG A 216 14.31 4.68 7.75
CA ARG A 216 15.41 5.05 8.64
C ARG A 216 15.34 6.54 8.96
N ALA A 217 15.20 7.35 7.91
CA ALA A 217 15.13 8.78 8.05
C ALA A 217 13.92 9.23 8.86
N VAL A 218 12.89 8.39 8.88
CA VAL A 218 11.66 8.66 9.62
C VAL A 218 11.93 8.51 11.11
N VAL A 219 12.60 7.44 11.49
CA VAL A 219 12.94 7.20 12.89
C VAL A 219 13.73 8.38 13.42
N GLU A 220 14.70 8.83 12.63
CA GLU A 220 15.55 9.96 12.98
C GLU A 220 14.83 11.30 12.87
N LEU A 221 13.55 11.25 12.52
CA LEU A 221 12.73 12.44 12.39
C LEU A 221 12.14 12.72 13.77
N PHE A 222 12.31 11.75 14.66
CA PHE A 222 11.80 11.82 16.02
C PHE A 222 12.94 11.69 17.04
C1 BUA B . -1.52 0.88 -2.93
C2 BUA B . -1.14 1.96 -1.90
C3 BUA B . -0.67 1.44 -0.53
C4 BUA B . -1.79 0.68 0.17
O1 BUA B . -1.49 -0.37 0.76
O2 BUA B . -2.94 1.12 0.11
#